data_9JAD
#
_entry.id   9JAD
#
_cell.length_a   96.252
_cell.length_b   96.252
_cell.length_c   45.427
_cell.angle_alpha   90.00
_cell.angle_beta   90.00
_cell.angle_gamma   120.00
#
_symmetry.space_group_name_H-M   'P 65'
#
loop_
_entity.id
_entity.type
_entity.pdbx_description
1 polymer 'Guanylate kinase'
2 non-polymer 'POTASSIUM ION'
3 non-polymer "GUANOSINE-5'-MONOPHOSPHATE"
4 non-polymer 'ACETATE ION'
5 water water
#
_entity_poly.entity_id   1
_entity_poly.type   'polypeptide(L)'
_entity_poly.pdbx_seq_one_letter_code
;HMSGPRPVVLSGPSGAGKSTLLKRLLQEHSGIFGFSVSHTTRNPRPGEENGKDYYFVTREVMQRDIAAGDFIEHAEFSGN
LYGTSKVAVQAVQAMNRICVLDVDLQGVRNIKATDLRPIYISVQPPSLHVLEQRLRQRNTETEESLVKRLAAAQADMESS
KEPGLFDVVIINDSLDQAYAELKEALSEEIKKAQRTGA
;
_entity_poly.pdbx_strand_id   A
#
loop_
_chem_comp.id
_chem_comp.type
_chem_comp.name
_chem_comp.formula
5GP non-polymer GUANOSINE-5'-MONOPHOSPHATE 'C10 H14 N5 O8 P'
ACT non-polymer 'ACETATE ION' 'C2 H3 O2 -1'
K non-polymer 'POTASSIUM ION' 'K 1'
#
# COMPACT_ATOMS: atom_id res chain seq x y z
N MET A 2 -5.21 2.74 -17.89
CA MET A 2 -4.45 2.90 -19.12
C MET A 2 -3.64 1.63 -19.50
N SER A 3 -2.69 1.79 -20.43
CA SER A 3 -1.93 0.65 -20.96
C SER A 3 -1.24 -0.15 -19.87
N GLY A 4 -1.09 -1.45 -20.10
CA GLY A 4 -0.51 -2.34 -19.13
C GLY A 4 -1.53 -3.20 -18.42
N PRO A 5 -1.05 -4.20 -17.68
CA PRO A 5 -1.96 -5.10 -16.95
C PRO A 5 -2.69 -4.36 -15.84
N ARG A 6 -3.71 -5.05 -15.30
CA ARG A 6 -4.55 -4.52 -14.22
CA ARG A 6 -4.54 -4.51 -14.23
C ARG A 6 -3.73 -4.29 -12.96
N PRO A 7 -3.69 -3.08 -12.41
CA PRO A 7 -2.90 -2.85 -11.21
C PRO A 7 -3.52 -3.52 -9.98
N VAL A 8 -2.74 -3.56 -8.90
CA VAL A 8 -3.12 -4.23 -7.67
C VAL A 8 -2.96 -3.25 -6.52
N VAL A 9 -4.04 -2.98 -5.78
CA VAL A 9 -4.02 -2.05 -4.65
C VAL A 9 -4.21 -2.84 -3.37
N LEU A 10 -3.21 -2.81 -2.49
CA LEU A 10 -3.32 -3.39 -1.16
C LEU A 10 -3.58 -2.31 -0.14
N SER A 11 -4.45 -2.60 0.82
CA SER A 11 -4.67 -1.71 1.95
C SER A 11 -4.78 -2.56 3.22
N GLY A 12 -5.21 -1.92 4.31
CA GLY A 12 -5.26 -2.53 5.61
C GLY A 12 -4.38 -1.75 6.58
N PRO A 13 -4.45 -2.06 7.87
CA PRO A 13 -3.64 -1.30 8.83
C PRO A 13 -2.15 -1.43 8.55
N SER A 14 -1.44 -0.31 8.64
CA SER A 14 0.00 -0.35 8.52
C SER A 14 0.59 -1.16 9.67
N GLY A 15 1.46 -2.12 9.33
CA GLY A 15 1.97 -3.07 10.30
C GLY A 15 1.28 -4.41 10.30
N ALA A 16 0.14 -4.54 9.61
CA ALA A 16 -0.60 -5.80 9.64
C ALA A 16 -0.19 -6.76 8.54
N GLY A 17 0.67 -6.34 7.61
CA GLY A 17 1.27 -7.27 6.67
C GLY A 17 1.34 -6.83 5.22
N LYS A 18 0.55 -5.84 4.81
CA LYS A 18 0.53 -5.54 3.37
C LYS A 18 1.92 -5.23 2.82
N SER A 19 2.75 -4.51 3.58
CA SER A 19 4.05 -4.09 3.06
C SER A 19 5.02 -5.26 2.97
N THR A 20 5.05 -6.09 4.01
CA THR A 20 5.87 -7.29 3.98
C THR A 20 5.44 -8.23 2.86
N LEU A 21 4.15 -8.36 2.63
CA LEU A 21 3.68 -9.28 1.59
C LEU A 21 4.05 -8.79 0.20
N LEU A 22 3.94 -7.47 -0.02
CA LEU A 22 4.35 -6.90 -1.29
C LEU A 22 5.83 -7.10 -1.53
N LYS A 23 6.63 -6.93 -0.47
CA LYS A 23 8.07 -7.10 -0.62
C LYS A 23 8.36 -8.54 -1.01
N ARG A 24 7.62 -9.48 -0.44
CA ARG A 24 7.83 -10.89 -0.77
C ARG A 24 7.41 -11.19 -2.19
N LEU A 25 6.28 -10.61 -2.63
CA LEU A 25 5.81 -10.80 -4.00
C LEU A 25 6.80 -10.25 -5.02
N LEU A 26 7.39 -9.08 -4.74
CA LEU A 26 8.36 -8.49 -5.66
C LEU A 26 9.67 -9.26 -5.70
N GLN A 27 10.00 -10.02 -4.64
CA GLN A 27 11.17 -10.88 -4.68
C GLN A 27 10.90 -12.13 -5.52
N GLU A 28 9.74 -12.74 -5.33
CA GLU A 28 9.45 -13.99 -6.04
C GLU A 28 9.10 -13.74 -7.50
N HIS A 29 8.37 -12.67 -7.79
CA HIS A 29 7.82 -12.45 -9.13
C HIS A 29 8.24 -11.07 -9.66
N SER A 30 9.55 -10.79 -9.60
CA SER A 30 10.11 -9.52 -10.05
C SER A 30 10.01 -9.31 -11.55
N GLY A 31 9.88 -10.38 -12.32
CA GLY A 31 9.67 -10.21 -13.75
C GLY A 31 8.24 -9.87 -14.12
N ILE A 32 7.31 -10.00 -13.19
CA ILE A 32 5.89 -9.83 -13.46
C ILE A 32 5.35 -8.55 -12.84
N PHE A 33 5.84 -8.18 -11.66
CA PHE A 33 5.29 -7.08 -10.89
C PHE A 33 6.32 -5.96 -10.70
N GLY A 34 5.82 -4.73 -10.54
CA GLY A 34 6.65 -3.62 -10.07
C GLY A 34 5.91 -2.82 -9.02
N PHE A 35 6.69 -2.20 -8.13
CA PHE A 35 6.17 -1.49 -6.97
C PHE A 35 6.06 -0.01 -7.28
N SER A 36 4.91 0.59 -6.95
CA SER A 36 4.74 2.04 -6.98
C SER A 36 5.40 2.66 -5.75
N VAL A 37 6.42 3.49 -5.95
CA VAL A 37 7.13 4.11 -4.83
C VAL A 37 6.44 5.44 -4.53
N SER A 38 5.68 5.45 -3.42
CA SER A 38 4.97 6.64 -2.97
C SER A 38 5.93 7.69 -2.43
N HIS A 39 5.48 8.95 -2.45
CA HIS A 39 6.12 10.01 -1.70
C HIS A 39 5.54 10.08 -0.29
N THR A 40 6.39 10.43 0.69
CA THR A 40 5.89 10.73 2.04
C THR A 40 6.72 11.81 2.68
N THR A 41 6.07 12.57 3.56
CA THR A 41 6.77 13.56 4.39
C THR A 41 7.19 13.01 5.75
N ARG A 42 6.79 11.79 6.10
CA ARG A 42 7.26 11.26 7.37
C ARG A 42 8.74 10.91 7.29
N ASN A 43 9.36 10.74 8.47
CA ASN A 43 10.78 10.40 8.47
C ASN A 43 11.00 8.92 8.18
N PRO A 44 12.12 8.58 7.55
CA PRO A 44 12.42 7.16 7.31
C PRO A 44 12.64 6.41 8.62
N ARG A 45 12.29 5.10 8.60
CA ARG A 45 12.59 4.18 9.67
C ARG A 45 13.90 3.44 9.39
N PRO A 46 14.58 2.93 10.40
CA PRO A 46 15.78 2.14 10.13
C PRO A 46 15.51 1.06 9.11
N GLY A 47 16.40 0.96 8.11
CA GLY A 47 16.31 -0.04 7.07
C GLY A 47 15.54 0.39 5.84
N GLU A 48 14.73 1.44 5.93
CA GLU A 48 14.03 1.91 4.75
C GLU A 48 15.00 2.63 3.83
N GLU A 49 14.71 2.60 2.53
CA GLU A 49 15.60 3.10 1.51
C GLU A 49 14.84 4.05 0.60
N ASN A 50 15.36 5.26 0.46
CA ASN A 50 14.80 6.22 -0.47
C ASN A 50 14.77 5.65 -1.89
N GLY A 51 13.66 5.89 -2.58
CA GLY A 51 13.52 5.40 -3.93
C GLY A 51 13.13 3.94 -4.00
N LYS A 52 12.99 3.28 -2.85
CA LYS A 52 12.55 1.89 -2.81
C LYS A 52 11.29 1.74 -1.97
N ASP A 53 11.35 2.10 -0.69
CA ASP A 53 10.16 2.07 0.15
C ASP A 53 9.27 3.28 -0.08
N TYR A 54 9.89 4.46 -0.17
CA TYR A 54 9.24 5.75 -0.37
C TYR A 54 10.26 6.65 -1.06
N TYR A 55 9.76 7.74 -1.65
CA TYR A 55 10.56 8.94 -1.84
C TYR A 55 10.28 9.80 -0.61
N PHE A 56 11.31 10.00 0.21
CA PHE A 56 11.18 10.77 1.44
C PHE A 56 11.48 12.23 1.13
N VAL A 57 10.45 13.08 1.13
CA VAL A 57 10.62 14.49 0.83
C VAL A 57 10.02 15.35 1.94
N THR A 58 10.37 16.64 1.93
CA THR A 58 9.73 17.54 2.89
C THR A 58 8.33 17.94 2.43
N ARG A 59 7.55 18.46 3.38
CA ARG A 59 6.25 19.04 3.04
C ARG A 59 6.36 20.09 1.93
N GLU A 60 7.36 20.96 2.02
CA GLU A 60 7.50 22.02 1.03
C GLU A 60 7.68 21.44 -0.36
N VAL A 61 8.51 20.40 -0.48
CA VAL A 61 8.78 19.77 -1.76
C VAL A 61 7.54 19.03 -2.27
N MET A 62 6.90 18.23 -1.41
CA MET A 62 5.64 17.60 -1.82
C MET A 62 4.60 18.59 -2.27
N GLN A 63 4.47 19.71 -1.55
CA GLN A 63 3.46 20.68 -1.90
C GLN A 63 3.72 21.29 -3.28
N ARG A 64 5.01 21.56 -3.60
CA ARG A 64 5.35 22.03 -4.93
C ARG A 64 4.91 21.04 -6.00
N ASP A 65 5.14 19.75 -5.75
CA ASP A 65 4.81 18.72 -6.73
C ASP A 65 3.30 18.52 -6.82
N ILE A 66 2.62 18.58 -5.67
CA ILE A 66 1.15 18.53 -5.68
C ILE A 66 0.60 19.68 -6.52
N ALA A 67 1.09 20.90 -6.27
CA ALA A 67 0.58 22.09 -6.97
C ALA A 67 0.79 21.99 -8.47
N ALA A 68 1.84 21.29 -8.92
CA ALA A 68 2.14 21.09 -10.33
C ALA A 68 1.26 20.03 -10.99
N GLY A 69 0.47 19.30 -10.21
CA GLY A 69 -0.33 18.23 -10.75
C GLY A 69 0.40 16.91 -10.89
N ASP A 70 1.44 16.69 -10.08
CA ASP A 70 2.26 15.51 -10.27
C ASP A 70 1.67 14.24 -9.64
N PHE A 71 0.55 14.33 -8.91
CA PHE A 71 0.07 13.19 -8.15
C PHE A 71 -1.26 12.64 -8.68
N ILE A 72 -1.33 11.31 -8.69
CA ILE A 72 -2.60 10.62 -8.93
C ILE A 72 -3.54 10.83 -7.75
N GLU A 73 -3.00 10.67 -6.53
CA GLU A 73 -3.77 10.84 -5.31
C GLU A 73 -2.80 11.20 -4.18
N HIS A 74 -3.35 11.75 -3.10
CA HIS A 74 -2.58 11.97 -1.89
C HIS A 74 -3.53 11.97 -0.71
N ALA A 75 -2.94 11.77 0.48
CA ALA A 75 -3.71 11.69 1.72
C ALA A 75 -2.87 12.16 2.89
N GLU A 76 -3.57 12.70 3.90
CA GLU A 76 -2.99 12.98 5.22
C GLU A 76 -3.26 11.77 6.10
N PHE A 77 -2.22 11.27 6.76
CA PHE A 77 -2.36 10.10 7.61
C PHE A 77 -1.46 10.29 8.82
N SER A 78 -2.07 10.27 10.01
CA SER A 78 -1.35 10.38 11.29
C SER A 78 -0.27 11.47 11.25
N GLY A 79 -0.66 12.64 10.74
CA GLY A 79 0.18 13.82 10.79
C GLY A 79 1.13 14.03 9.63
N ASN A 80 1.18 13.12 8.67
CA ASN A 80 2.10 13.27 7.55
C ASN A 80 1.34 13.10 6.24
N LEU A 81 1.99 13.53 5.16
CA LEU A 81 1.42 13.49 3.83
C LEU A 81 2.01 12.32 3.04
N TYR A 82 1.15 11.64 2.27
CA TYR A 82 1.53 10.49 1.46
C TYR A 82 0.86 10.61 0.10
N GLY A 83 1.48 10.06 -0.94
CA GLY A 83 0.82 10.12 -2.22
C GLY A 83 1.50 9.29 -3.30
N THR A 84 0.70 8.93 -4.29
CA THR A 84 1.12 8.16 -5.46
C THR A 84 1.36 9.14 -6.60
N SER A 85 2.62 9.36 -6.95
CA SER A 85 2.91 10.21 -8.11
C SER A 85 2.55 9.53 -9.42
N LYS A 86 2.21 10.35 -10.42
CA LYS A 86 2.00 9.83 -11.75
C LYS A 86 3.22 9.04 -12.24
N VAL A 87 4.43 9.57 -12.03
CA VAL A 87 5.60 8.91 -12.61
C VAL A 87 5.86 7.58 -11.92
N ALA A 88 5.50 7.45 -10.64
CA ALA A 88 5.71 6.18 -9.92
C ALA A 88 4.95 5.04 -10.60
N VAL A 89 3.71 5.30 -11.02
CA VAL A 89 2.92 4.27 -11.69
C VAL A 89 3.38 4.12 -13.13
N GLN A 90 3.69 5.23 -13.81
CA GLN A 90 4.16 5.16 -15.19
C GLN A 90 5.45 4.38 -15.34
N ALA A 91 6.34 4.47 -14.35
CA ALA A 91 7.61 3.74 -14.44
C ALA A 91 7.37 2.24 -14.55
N VAL A 92 6.39 1.72 -13.80
CA VAL A 92 6.10 0.29 -13.82
C VAL A 92 5.38 -0.09 -15.12
N GLN A 93 4.42 0.74 -15.54
CA GLN A 93 3.68 0.47 -16.76
C GLN A 93 4.61 0.45 -17.97
N ALA A 94 5.66 1.28 -17.93
CA ALA A 94 6.62 1.34 -19.03
C ALA A 94 7.42 0.05 -19.15
N MET A 95 7.63 -0.65 -18.03
CA MET A 95 8.27 -1.96 -17.98
C MET A 95 7.35 -3.10 -18.39
N ASN A 96 6.09 -2.80 -18.74
CA ASN A 96 5.06 -3.82 -18.97
C ASN A 96 4.98 -4.79 -17.80
N ARG A 97 4.96 -4.23 -16.60
CA ARG A 97 4.76 -5.03 -15.40
C ARG A 97 3.46 -4.65 -14.73
N ILE A 98 2.99 -5.54 -13.85
CA ILE A 98 1.80 -5.29 -13.05
C ILE A 98 2.18 -4.36 -11.91
N CYS A 99 1.55 -3.19 -11.85
CA CYS A 99 1.82 -2.24 -10.79
C CYS A 99 1.12 -2.62 -9.50
N VAL A 100 1.88 -2.70 -8.41
N VAL A 100 1.87 -2.72 -8.41
CA VAL A 100 1.33 -2.99 -7.09
CA VAL A 100 1.28 -2.99 -7.10
C VAL A 100 1.54 -1.79 -6.19
C VAL A 100 1.53 -1.79 -6.20
N LEU A 101 0.50 -1.44 -5.43
CA LEU A 101 0.51 -0.26 -4.59
C LEU A 101 0.06 -0.65 -3.19
N ASP A 102 0.60 0.01 -2.17
CA ASP A 102 -0.02 -0.08 -0.85
C ASP A 102 -0.37 1.32 -0.35
N VAL A 103 -1.63 1.49 0.06
CA VAL A 103 -2.16 2.79 0.44
C VAL A 103 -3.13 2.58 1.59
N ASP A 104 -3.53 3.70 2.21
CA ASP A 104 -4.51 3.62 3.29
C ASP A 104 -5.91 3.63 2.70
N LEU A 105 -6.91 3.64 3.59
CA LEU A 105 -8.30 3.61 3.17
C LEU A 105 -8.64 4.86 2.33
N GLN A 106 -8.10 6.02 2.70
CA GLN A 106 -8.32 7.20 1.87
C GLN A 106 -7.77 6.98 0.46
N GLY A 107 -6.61 6.35 0.36
CA GLY A 107 -6.04 6.06 -0.96
C GLY A 107 -6.92 5.11 -1.76
N VAL A 108 -7.50 4.11 -1.10
CA VAL A 108 -8.41 3.21 -1.78
C VAL A 108 -9.56 4.00 -2.38
N ARG A 109 -10.17 4.88 -1.57
CA ARG A 109 -11.28 5.68 -2.07
C ARG A 109 -10.83 6.61 -3.19
N ASN A 110 -9.63 7.20 -3.05
CA ASN A 110 -9.09 8.05 -4.12
C ASN A 110 -8.96 7.26 -5.42
N ILE A 111 -8.40 6.06 -5.36
CA ILE A 111 -8.11 5.33 -6.60
C ILE A 111 -9.40 4.82 -7.22
N LYS A 112 -10.42 4.53 -6.40
CA LYS A 112 -11.72 4.15 -6.93
C LYS A 112 -12.27 5.20 -7.89
N ALA A 113 -11.93 6.47 -7.67
CA ALA A 113 -12.40 7.56 -8.51
C ALA A 113 -11.57 7.77 -9.77
N THR A 114 -10.43 7.07 -9.91
CA THR A 114 -9.58 7.18 -11.08
C THR A 114 -9.96 6.14 -12.13
N ASP A 115 -9.20 6.10 -13.22
CA ASP A 115 -9.40 5.18 -14.34
C ASP A 115 -8.52 3.94 -14.25
N LEU A 116 -7.94 3.65 -13.07
CA LEU A 116 -6.93 2.62 -12.98
C LEU A 116 -7.50 1.20 -12.97
N ARG A 117 -8.76 1.03 -12.56
CA ARG A 117 -9.43 -0.26 -12.52
C ARG A 117 -8.61 -1.37 -11.87
N PRO A 118 -8.17 -1.19 -10.62
CA PRO A 118 -7.35 -2.21 -9.96
C PRO A 118 -8.21 -3.32 -9.37
N ILE A 119 -7.53 -4.37 -8.92
CA ILE A 119 -8.11 -5.27 -7.93
C ILE A 119 -7.67 -4.77 -6.57
N TYR A 120 -8.60 -4.81 -5.60
CA TYR A 120 -8.39 -4.27 -4.26
C TYR A 120 -8.34 -5.40 -3.24
N ILE A 121 -7.24 -5.47 -2.49
CA ILE A 121 -7.00 -6.52 -1.52
C ILE A 121 -6.71 -5.87 -0.18
N SER A 122 -7.45 -6.26 0.86
CA SER A 122 -7.20 -5.73 2.20
C SER A 122 -6.48 -6.79 3.05
N VAL A 123 -5.42 -6.38 3.75
CA VAL A 123 -4.66 -7.27 4.62
C VAL A 123 -4.87 -6.81 6.06
N GLN A 124 -5.51 -7.67 6.86
CA GLN A 124 -5.98 -7.42 8.21
C GLN A 124 -5.15 -8.17 9.24
N PRO A 125 -4.96 -7.60 10.42
CA PRO A 125 -4.35 -8.37 11.50
C PRO A 125 -5.39 -9.28 12.10
N PRO A 126 -4.98 -10.32 12.82
CA PRO A 126 -5.98 -11.17 13.47
C PRO A 126 -6.74 -10.46 14.58
N SER A 127 -6.17 -9.41 15.16
CA SER A 127 -6.83 -8.56 16.15
C SER A 127 -6.08 -7.24 16.26
N LEU A 128 -6.75 -6.24 16.81
CA LEU A 128 -6.08 -4.99 17.13
C LEU A 128 -4.95 -5.22 18.12
N HIS A 129 -5.19 -6.11 19.10
CA HIS A 129 -4.20 -6.41 20.13
C HIS A 129 -2.92 -6.94 19.51
N VAL A 130 -3.03 -7.84 18.54
CA VAL A 130 -1.85 -8.38 17.89
C VAL A 130 -1.13 -7.29 17.09
N LEU A 131 -1.89 -6.42 16.42
CA LEU A 131 -1.28 -5.31 15.68
C LEU A 131 -0.49 -4.40 16.61
N GLU A 132 -1.09 -4.02 17.74
CA GLU A 132 -0.41 -3.12 18.66
C GLU A 132 0.90 -3.74 19.18
N GLN A 133 0.89 -5.03 19.46
CA GLN A 133 2.11 -5.70 19.92
C GLN A 133 3.16 -5.67 18.82
N ARG A 134 2.76 -5.95 17.58
CA ARG A 134 3.71 -5.94 16.47
C ARG A 134 4.33 -4.56 16.30
N LEU A 135 3.51 -3.51 16.45
CA LEU A 135 3.99 -2.14 16.25
C LEU A 135 4.96 -1.71 17.35
N ARG A 136 4.70 -2.13 18.57
CA ARG A 136 5.54 -1.67 19.67
C ARG A 136 6.91 -2.34 19.68
N GLN A 137 7.12 -3.37 18.84
CA GLN A 137 8.43 -4.00 18.72
C GLN A 137 9.45 -3.04 18.11
N ARG A 138 9.18 -2.54 16.90
CA ARG A 138 10.07 -1.56 16.32
C ARG A 138 9.94 -0.20 16.99
N ASN A 139 8.74 0.12 17.49
CA ASN A 139 8.51 1.32 18.31
C ASN A 139 9.02 2.58 17.60
N THR A 140 8.60 2.75 16.36
CA THR A 140 9.08 3.85 15.53
C THR A 140 8.29 5.14 15.73
N GLU A 141 7.19 5.10 16.50
CA GLU A 141 6.25 6.22 16.56
C GLU A 141 6.25 6.88 17.93
N THR A 142 6.03 8.19 17.95
CA THR A 142 5.72 8.83 19.22
C THR A 142 4.38 8.29 19.74
N GLU A 143 4.10 8.54 21.01
CA GLU A 143 2.82 8.07 21.54
C GLU A 143 1.64 8.75 20.84
N GLU A 144 1.79 10.03 20.48
CA GLU A 144 0.72 10.75 19.76
C GLU A 144 0.46 10.10 18.41
N SER A 145 1.52 9.73 17.71
CA SER A 145 1.34 9.06 16.43
C SER A 145 0.72 7.69 16.62
N LEU A 146 1.16 6.95 17.66
CA LEU A 146 0.60 5.64 17.92
C LEU A 146 -0.91 5.72 18.14
N VAL A 147 -1.36 6.76 18.86
CA VAL A 147 -2.79 6.92 19.13
C VAL A 147 -3.55 7.16 17.83
N LYS A 148 -3.03 8.06 16.98
CA LYS A 148 -3.67 8.32 15.70
C LYS A 148 -3.67 7.07 14.84
N ARG A 149 -2.59 6.30 14.90
CA ARG A 149 -2.49 5.11 14.06
C ARG A 149 -3.46 4.04 14.54
N LEU A 150 -3.63 3.88 15.85
CA LEU A 150 -4.57 2.87 16.32
C LEU A 150 -5.99 3.25 15.96
N ALA A 151 -6.32 4.54 16.07
CA ALA A 151 -7.64 5.01 15.63
C ALA A 151 -7.85 4.69 14.16
N ALA A 152 -6.84 4.94 13.31
CA ALA A 152 -6.99 4.69 11.89
C ALA A 152 -7.07 3.19 11.59
N ALA A 153 -6.32 2.39 12.34
CA ALA A 153 -6.38 0.94 12.18
C ALA A 153 -7.77 0.40 12.51
N GLN A 154 -8.39 0.90 13.60
CA GLN A 154 -9.75 0.48 13.96
C GLN A 154 -10.73 0.84 12.87
N ALA A 155 -10.64 2.06 12.35
CA ALA A 155 -11.51 2.47 11.25
C ALA A 155 -11.29 1.57 10.04
N ASP A 156 -10.04 1.22 9.75
CA ASP A 156 -9.74 0.39 8.60
C ASP A 156 -10.39 -0.98 8.73
N MET A 157 -10.20 -1.63 9.88
CA MET A 157 -10.78 -2.94 10.10
C MET A 157 -12.31 -2.90 9.97
N GLU A 158 -12.92 -1.86 10.53
CA GLU A 158 -14.38 -1.73 10.45
C GLU A 158 -14.85 -1.63 9.00
N SER A 159 -14.09 -0.95 8.16
CA SER A 159 -14.51 -0.75 6.77
C SER A 159 -14.15 -1.91 5.86
N SER A 160 -13.30 -2.84 6.30
CA SER A 160 -12.86 -3.91 5.44
C SER A 160 -14.01 -4.79 4.98
N LYS A 161 -15.10 -4.85 5.75
CA LYS A 161 -16.24 -5.69 5.40
C LYS A 161 -17.32 -4.94 4.64
N GLU A 162 -17.01 -3.76 4.13
CA GLU A 162 -17.99 -2.98 3.37
C GLU A 162 -18.26 -3.64 2.03
N PRO A 163 -19.52 -3.91 1.68
CA PRO A 163 -19.80 -4.60 0.41
C PRO A 163 -19.24 -3.86 -0.78
N GLY A 164 -18.51 -4.59 -1.62
CA GLY A 164 -17.97 -4.07 -2.85
C GLY A 164 -16.68 -3.28 -2.73
N LEU A 165 -16.21 -3.01 -1.51
CA LEU A 165 -14.99 -2.22 -1.34
C LEU A 165 -13.76 -3.04 -1.75
N PHE A 166 -13.57 -4.20 -1.14
CA PHE A 166 -12.40 -5.03 -1.40
C PHE A 166 -12.81 -6.30 -2.13
N ASP A 167 -11.94 -6.72 -3.04
CA ASP A 167 -12.18 -7.94 -3.80
C ASP A 167 -11.94 -9.16 -2.92
N VAL A 168 -10.90 -9.10 -2.09
CA VAL A 168 -10.51 -10.13 -1.14
C VAL A 168 -10.06 -9.44 0.13
N VAL A 169 -10.40 -10.04 1.28
CA VAL A 169 -9.88 -9.61 2.58
C VAL A 169 -9.11 -10.79 3.16
N ILE A 170 -7.82 -10.58 3.40
CA ILE A 170 -6.90 -11.59 3.90
C ILE A 170 -6.63 -11.30 5.36
N ILE A 171 -6.77 -12.31 6.22
CA ILE A 171 -6.39 -12.18 7.62
C ILE A 171 -4.98 -12.75 7.77
N ASN A 172 -4.05 -11.91 8.19
CA ASN A 172 -2.65 -12.31 8.27
C ASN A 172 -2.36 -12.83 9.67
N ASP A 173 -2.64 -14.11 9.89
CA ASP A 173 -2.20 -14.76 11.11
C ASP A 173 -0.84 -15.41 10.94
N SER A 174 -0.52 -15.82 9.71
CA SER A 174 0.75 -16.42 9.35
C SER A 174 1.14 -15.83 8.00
N LEU A 175 2.36 -15.28 7.91
CA LEU A 175 2.76 -14.63 6.67
C LEU A 175 2.76 -15.62 5.50
N ASP A 176 3.19 -16.87 5.73
CA ASP A 176 3.17 -17.84 4.64
C ASP A 176 1.76 -18.05 4.12
N GLN A 177 0.78 -18.03 5.02
CA GLN A 177 -0.59 -18.30 4.63
C GLN A 177 -1.17 -17.10 3.90
N ALA A 178 -0.96 -15.93 4.45
CA ALA A 178 -1.42 -14.70 3.83
C ALA A 178 -0.78 -14.51 2.46
N TYR A 179 0.51 -14.85 2.33
CA TYR A 179 1.16 -14.71 1.04
C TYR A 179 0.58 -15.67 0.00
N ALA A 180 0.29 -16.91 0.40
CA ALA A 180 -0.41 -17.82 -0.51
C ALA A 180 -1.75 -17.23 -0.96
N GLU A 181 -2.46 -16.57 -0.05
CA GLU A 181 -3.77 -16.01 -0.40
C GLU A 181 -3.64 -14.78 -1.29
N LEU A 182 -2.57 -14.00 -1.11
CA LEU A 182 -2.30 -12.90 -2.03
C LEU A 182 -2.10 -13.42 -3.44
N LYS A 183 -1.25 -14.44 -3.59
CA LYS A 183 -1.03 -14.99 -4.93
C LYS A 183 -2.30 -15.63 -5.48
N GLU A 184 -3.11 -16.26 -4.62
CA GLU A 184 -4.39 -16.81 -5.05
C GLU A 184 -5.25 -15.75 -5.72
N ALA A 185 -5.33 -14.56 -5.11
CA ALA A 185 -6.15 -13.50 -5.66
C ALA A 185 -5.62 -13.01 -7.00
N LEU A 186 -4.32 -13.18 -7.25
CA LEU A 186 -3.67 -12.75 -8.47
C LEU A 186 -3.30 -13.88 -9.41
N SER A 187 -3.81 -15.09 -9.17
CA SER A 187 -3.30 -16.27 -9.86
C SER A 187 -3.60 -16.21 -11.36
N GLU A 188 -4.80 -15.75 -11.74
CA GLU A 188 -5.11 -15.62 -13.15
C GLU A 188 -4.19 -14.59 -13.81
N GLU A 189 -3.97 -13.46 -13.13
CA GLU A 189 -3.13 -12.42 -13.71
C GLU A 189 -1.68 -12.89 -13.82
N ILE A 190 -1.22 -13.68 -12.84
CA ILE A 190 0.15 -14.19 -12.87
C ILE A 190 0.30 -15.19 -14.00
N LYS A 191 -0.68 -16.07 -14.17
CA LYS A 191 -0.64 -17.04 -15.26
C LYS A 191 -0.60 -16.35 -16.60
N LYS A 192 -1.46 -15.34 -16.80
CA LYS A 192 -1.51 -14.66 -18.09
C LYS A 192 -0.21 -13.93 -18.38
N ALA A 193 0.34 -13.22 -17.38
CA ALA A 193 1.63 -12.56 -17.57
C ALA A 193 2.72 -13.55 -17.97
N GLN A 194 2.63 -14.79 -17.49
CA GLN A 194 3.55 -15.83 -17.90
C GLN A 194 3.10 -16.46 -19.20
K K B . 2.96 3.07 -0.64
P 5GP C . 3.46 4.12 7.12
O1P 5GP C . 3.05 3.16 8.22
O2P 5GP C . 3.77 5.51 7.63
O3P 5GP C . 4.53 3.56 6.19
O5' 5GP C . 2.15 4.27 6.22
C5' 5GP C . 0.95 4.80 6.79
C4' 5GP C . -0.22 4.57 5.90
O4' 5GP C . -0.08 5.42 4.72
C3' 5GP C . -0.34 3.12 5.38
O3' 5GP C . -1.71 2.70 5.34
C2' 5GP C . 0.20 3.24 3.97
O2' 5GP C . -0.25 2.25 3.06
C1' 5GP C . -0.33 4.63 3.59
N9 5GP C . 0.33 5.15 2.39
C8 5GP C . 1.60 4.90 1.97
N7 5GP C . 1.76 5.45 0.75
C5 5GP C . 0.56 6.00 0.38
C6 5GP C . 0.08 6.66 -0.75
O6 5GP C . 0.82 6.87 -1.75
N1 5GP C . -1.19 7.09 -0.77
C2 5GP C . -2.03 6.86 0.24
N2 5GP C . -3.30 7.30 0.18
N3 5GP C . -1.61 6.21 1.35
C4 5GP C . -0.32 5.79 1.42
C ACT D . -3.56 2.38 7.99
O ACT D . -3.99 2.65 6.86
OXT ACT D . -2.37 2.23 8.35
CH3 ACT D . -4.63 2.19 9.11
#